data_6VTC
#
_entry.id   6VTC
#
_cell.length_a   41.123
_cell.length_b   106.369
_cell.length_c   112.685
_cell.angle_alpha   90.000
_cell.angle_beta   90.000
_cell.angle_gamma   90.000
#
_symmetry.space_group_name_H-M   'P 2 21 21'
#
loop_
_entity.id
_entity.type
_entity.pdbx_description
1 polymer 'T-cell Receptor 1a2'
2 polymer 'p53-specific T cell receptor, B-chain'
3 water water
#
loop_
_entity_poly.entity_id
_entity_poly.type
_entity_poly.pdbx_seq_one_letter_code
_entity_poly.pdbx_strand_id
1 'polypeptide(L)'
;MKEVEQDPGPLSVPEGAIVSLNCTYSNSAFQYFMWYRQYSRKGPELLMYTYSSGNKEDGRFTAQVDKSSKYISLFIRDSQ
PSDSATYLCAMSGLKEDSSYKLIFGSGTRLLVRPDIQNPDPAVYQLRDSKSSDKSVCLFTDFDSQTNVSQSKDSDVYITD
KCVLDMRSMDFKSNSAVAWSNKSDFACANAFNNSIIPEDTFFPSPESS
;
A
2 'polypeptide(L)'
;MEAQVTQNPRYLITVTGKKLTVTCSQNMNHEYMSWYRQDPGLGLRQIYYSMNVEVTDKGDVPEGYKVSRKEKRNFPLILE
SPSPNQTSLYFCASSIQQGADTQYFGPGTRLTVLEDLKNVFPPEVAVFEPSEAEISHTQKATLVCLATGFYPDHVELSWW
VNGKEVHSGVCTDPQPLKEQPALNDSRYALSSRLRVSATFWQNPRNHFRCQVQFYGLSENDEWTQDRAKPVTQIVSAEAW
GRAD
;
B
#
# COMPACT_ATOMS: atom_id res chain seq x y z
N GLU A 3 -5.63 -24.71 10.83
CA GLU A 3 -6.05 -23.32 11.19
C GLU A 3 -4.97 -22.69 12.07
N VAL A 4 -4.82 -21.35 11.94
CA VAL A 4 -3.70 -20.55 12.41
C VAL A 4 -4.29 -19.32 13.08
N GLU A 5 -3.85 -19.00 14.29
CA GLU A 5 -4.33 -17.77 14.87
C GLU A 5 -3.15 -16.79 14.92
N GLN A 6 -3.38 -15.56 14.48
CA GLN A 6 -2.34 -14.54 14.44
C GLN A 6 -2.95 -13.19 14.82
N ASP A 7 -2.31 -12.46 15.73
CA ASP A 7 -2.83 -11.15 16.09
C ASP A 7 -2.59 -10.12 14.99
N PRO A 8 -3.60 -9.30 14.61
CA PRO A 8 -3.44 -8.37 13.49
C PRO A 8 -2.58 -7.15 13.76
N GLY A 9 -2.34 -6.81 15.03
CA GLY A 9 -1.73 -5.54 15.40
C GLY A 9 -2.67 -4.38 15.07
N PRO A 10 -2.18 -3.22 14.60
CA PRO A 10 -0.75 -3.02 14.34
C PRO A 10 0.08 -3.03 15.61
N LEU A 11 1.29 -3.56 15.53
CA LEU A 11 2.23 -3.41 16.64
C LEU A 11 3.12 -2.24 16.27
N SER A 12 3.19 -1.28 17.17
CA SER A 12 4.03 -0.12 17.04
C SER A 12 5.20 -0.20 18.01
N VAL A 13 6.42 -0.10 17.51
CA VAL A 13 7.59 -0.15 18.35
C VAL A 13 8.56 0.97 17.94
N PRO A 14 9.46 1.43 18.83
CA PRO A 14 10.53 2.36 18.43
C PRO A 14 11.64 1.66 17.70
N GLU A 15 12.20 2.35 16.72
CA GLU A 15 13.40 1.89 16.04
C GLU A 15 14.43 1.48 17.09
N GLY A 16 15.19 0.41 16.80
CA GLY A 16 16.20 -0.19 17.68
C GLY A 16 15.61 -1.22 18.67
N ALA A 17 14.28 -1.28 18.91
CA ALA A 17 13.68 -2.30 19.76
C ALA A 17 13.73 -3.71 19.16
N ILE A 18 13.79 -4.73 20.03
CA ILE A 18 13.46 -6.08 19.61
C ILE A 18 11.94 -6.22 19.48
N VAL A 19 11.49 -6.87 18.38
CA VAL A 19 10.08 -7.15 18.22
C VAL A 19 9.87 -8.65 18.16
N SER A 20 8.70 -9.09 18.69
CA SER A 20 8.36 -10.47 18.62
C SER A 20 7.00 -10.61 17.90
N LEU A 21 6.96 -11.41 16.84
CA LEU A 21 5.73 -11.73 16.09
C LEU A 21 5.47 -13.21 16.32
N ASN A 22 4.18 -13.57 16.48
CA ASN A 22 3.99 -14.98 16.69
C ASN A 22 2.64 -15.47 16.15
N CYS A 23 2.47 -16.80 16.09
CA CYS A 23 1.21 -17.45 15.69
C CYS A 23 1.02 -18.72 16.50
N THR A 24 -0.24 -19.15 16.65
CA THR A 24 -0.53 -20.42 17.29
C THR A 24 -1.34 -21.26 16.29
N TYR A 25 -1.14 -22.57 16.29
CA TYR A 25 -1.79 -23.50 15.37
C TYR A 25 -2.30 -24.69 16.16
N SER A 26 -3.17 -25.50 15.54
CA SER A 26 -3.87 -26.55 16.24
C SER A 26 -3.53 -27.93 15.64
N ASN A 27 -2.86 -27.96 14.50
CA ASN A 27 -2.62 -29.20 13.76
C ASN A 27 -1.20 -29.76 13.99
N SER A 28 -1.12 -30.95 14.60
CA SER A 28 0.15 -31.51 15.01
C SER A 28 0.93 -32.12 13.86
N ALA A 29 0.32 -32.21 12.69
CA ALA A 29 1.02 -32.68 11.50
C ALA A 29 1.84 -31.56 10.87
N PHE A 30 1.55 -30.30 11.24
CA PHE A 30 2.38 -29.23 10.70
C PHE A 30 3.83 -29.46 11.08
N GLN A 31 4.74 -29.41 10.10
CA GLN A 31 6.15 -29.73 10.43
C GLN A 31 7.07 -28.77 9.70
N TYR A 32 6.53 -27.95 8.79
CA TYR A 32 7.29 -26.93 8.10
C TYR A 32 6.69 -25.56 8.42
N PHE A 33 7.57 -24.60 8.74
CA PHE A 33 7.17 -23.30 9.29
C PHE A 33 8.10 -22.28 8.68
N MET A 34 7.46 -21.30 8.03
CA MET A 34 8.12 -20.19 7.41
C MET A 34 7.40 -18.88 7.76
N TRP A 35 8.15 -17.79 7.56
CA TRP A 35 7.54 -16.46 7.70
C TRP A 35 7.64 -15.80 6.33
N TYR A 36 6.57 -15.09 5.96
CA TYR A 36 6.55 -14.29 4.76
C TYR A 36 6.41 -12.83 5.17
N ARG A 37 6.97 -11.93 4.37
CA ARG A 37 6.85 -10.50 4.67
C ARG A 37 6.15 -9.84 3.50
N GLN A 38 5.14 -9.04 3.80
CA GLN A 38 4.39 -8.38 2.73
C GLN A 38 4.41 -6.86 2.96
N TYR A 39 5.03 -6.14 2.01
CA TYR A 39 4.99 -4.67 2.03
C TYR A 39 3.74 -4.15 1.36
N SER A 40 3.20 -3.05 1.90
CA SER A 40 2.07 -2.31 1.34
C SER A 40 1.12 -3.36 0.81
N ARG A 41 0.67 -3.20 -0.43
CA ARG A 41 -0.25 -4.20 -0.96
C ARG A 41 0.47 -5.18 -1.91
N LYS A 42 1.82 -5.16 -1.90
CA LYS A 42 2.63 -5.98 -2.79
C LYS A 42 2.46 -7.49 -2.48
N GLY A 43 3.00 -8.37 -3.34
CA GLY A 43 2.96 -9.83 -3.12
C GLY A 43 3.74 -10.23 -1.86
N PRO A 44 3.26 -11.14 -0.97
CA PRO A 44 4.09 -11.70 0.12
C PRO A 44 5.37 -12.32 -0.48
N GLU A 45 6.47 -12.29 0.29
CA GLU A 45 7.70 -12.88 -0.22
C GLU A 45 8.33 -13.62 0.94
N LEU A 46 8.85 -14.82 0.68
CA LEU A 46 9.43 -15.58 1.79
C LEU A 46 10.50 -14.73 2.50
N LEU A 47 10.48 -14.74 3.85
CA LEU A 47 11.54 -14.22 4.73
C LEU A 47 12.32 -15.40 5.31
N MET A 48 11.69 -16.26 6.17
CA MET A 48 12.29 -17.41 6.87
C MET A 48 11.44 -18.66 6.65
N TYR A 49 12.07 -19.86 6.49
CA TYR A 49 11.38 -21.16 6.40
C TYR A 49 11.90 -22.06 7.54
N ASN A 55 14.13 -20.79 9.09
CA ASN A 55 15.49 -21.17 9.56
C ASN A 55 15.56 -21.19 11.09
N LYS A 56 16.78 -21.07 11.62
CA LYS A 56 16.99 -20.65 13.01
C LYS A 56 17.33 -19.15 12.99
N GLU A 57 18.62 -18.79 13.07
CA GLU A 57 18.97 -17.38 13.01
C GLU A 57 19.36 -17.00 11.57
N ASP A 58 19.13 -15.72 11.22
CA ASP A 58 19.58 -15.04 10.00
C ASP A 58 19.75 -13.54 10.32
N GLY A 59 20.99 -13.13 10.68
CA GLY A 59 21.31 -11.75 11.06
C GLY A 59 20.41 -11.23 12.19
N ARG A 60 19.60 -10.22 11.88
CA ARG A 60 18.67 -9.58 12.81
C ARG A 60 17.38 -10.41 13.03
N PHE A 61 17.25 -11.51 12.30
CA PHE A 61 16.04 -12.34 12.40
C PHE A 61 16.32 -13.68 13.07
N THR A 62 15.43 -14.17 13.95
CA THR A 62 15.48 -15.53 14.42
C THR A 62 14.04 -16.04 14.37
N ALA A 63 13.87 -17.19 13.68
CA ALA A 63 12.58 -17.84 13.66
C ALA A 63 12.67 -19.03 14.60
N GLN A 64 11.59 -19.29 15.34
CA GLN A 64 11.59 -20.44 16.22
C GLN A 64 10.22 -21.10 16.22
N VAL A 65 10.20 -22.37 16.64
CA VAL A 65 8.95 -23.13 16.72
C VAL A 65 9.00 -23.95 17.99
N ASP A 66 7.86 -23.98 18.69
CA ASP A 66 7.69 -24.93 19.78
C ASP A 66 6.51 -25.83 19.41
N LYS A 67 6.80 -27.07 18.96
CA LYS A 67 5.76 -27.95 18.43
C LYS A 67 4.83 -28.45 19.52
N SER A 68 5.38 -28.58 20.73
CA SER A 68 4.60 -29.04 21.86
C SER A 68 3.58 -27.96 22.24
N SER A 69 3.99 -26.69 22.23
CA SER A 69 3.08 -25.57 22.54
C SER A 69 2.28 -25.17 21.31
N LYS A 70 2.66 -25.64 20.11
CA LYS A 70 2.07 -25.24 18.84
C LYS A 70 2.19 -23.71 18.72
N TYR A 71 3.42 -23.18 18.83
CA TYR A 71 3.57 -21.73 18.94
C TYR A 71 4.82 -21.40 18.17
N ILE A 72 4.67 -20.48 17.20
CA ILE A 72 5.64 -20.08 16.18
C ILE A 72 5.99 -18.63 16.50
N SER A 73 7.27 -18.25 16.37
CA SER A 73 7.63 -16.89 16.70
C SER A 73 8.73 -16.43 15.74
N LEU A 74 8.74 -15.12 15.47
CA LEU A 74 9.77 -14.43 14.72
C LEU A 74 10.23 -13.26 15.56
N PHE A 75 11.56 -13.21 15.82
CA PHE A 75 12.10 -12.11 16.57
C PHE A 75 12.92 -11.29 15.59
N ILE A 76 12.76 -9.98 15.66
CA ILE A 76 13.53 -9.02 14.86
C ILE A 76 14.30 -8.16 15.87
N ARG A 77 15.61 -8.36 15.89
CA ARG A 77 16.50 -7.48 16.65
C ARG A 77 16.76 -6.17 15.90
N ASP A 78 17.07 -5.10 16.66
CA ASP A 78 17.45 -3.77 16.22
C ASP A 78 16.53 -3.30 15.11
N SER A 79 15.22 -3.20 15.41
CA SER A 79 14.30 -3.08 14.30
C SER A 79 14.45 -1.69 13.63
N GLN A 80 14.10 -1.59 12.33
CA GLN A 80 14.36 -0.40 11.52
C GLN A 80 13.05 0.00 10.90
N PRO A 81 12.77 1.30 10.55
CA PRO A 81 11.50 1.67 9.94
C PRO A 81 11.25 0.88 8.67
N SER A 82 12.35 0.39 8.03
CA SER A 82 12.19 -0.40 6.84
C SER A 82 11.62 -1.80 7.08
N ASP A 83 11.51 -2.25 8.33
CA ASP A 83 10.91 -3.54 8.70
C ASP A 83 9.38 -3.39 8.69
N SER A 84 8.89 -2.15 8.62
CA SER A 84 7.46 -1.93 8.74
C SER A 84 6.76 -2.61 7.55
N ALA A 85 5.86 -3.55 7.81
CA ALA A 85 5.32 -4.49 6.82
C ALA A 85 4.31 -5.36 7.57
N THR A 86 3.57 -6.17 6.80
CA THR A 86 2.81 -7.28 7.38
C THR A 86 3.62 -8.57 7.30
N TYR A 87 3.70 -9.28 8.45
CA TYR A 87 4.40 -10.55 8.57
C TYR A 87 3.38 -11.69 8.65
N LEU A 88 3.56 -12.72 7.79
CA LEU A 88 2.59 -13.83 7.73
C LEU A 88 3.27 -15.15 8.09
N CYS A 89 2.79 -15.88 9.12
CA CYS A 89 3.39 -17.19 9.35
C CYS A 89 2.77 -18.21 8.38
N ALA A 90 3.61 -19.04 7.75
CA ALA A 90 3.10 -20.05 6.82
C ALA A 90 3.58 -21.40 7.32
N MET A 91 2.78 -22.45 7.04
CA MET A 91 3.10 -23.79 7.51
C MET A 91 2.35 -24.88 6.75
N SER A 92 2.90 -26.10 6.84
CA SER A 92 2.28 -27.23 6.14
C SER A 92 2.81 -28.52 6.75
N GLY A 93 2.18 -29.68 6.39
CA GLY A 93 2.74 -31.02 6.62
C GLY A 93 4.03 -31.31 5.81
N LEU A 94 4.57 -32.54 5.95
CA LEU A 94 5.75 -33.00 5.19
C LEU A 94 5.33 -33.35 3.74
N LYS A 95 6.30 -33.41 2.82
CA LYS A 95 6.02 -33.92 1.47
C LYS A 95 5.77 -35.43 1.45
N GLU A 96 6.22 -36.16 2.49
CA GLU A 96 5.92 -37.59 2.62
C GLU A 96 4.42 -37.79 2.86
N ASP A 97 3.69 -36.70 3.18
CA ASP A 97 2.28 -36.67 3.51
C ASP A 97 1.46 -36.74 2.22
N SER A 98 0.29 -37.38 2.34
CA SER A 98 -0.72 -37.47 1.30
C SER A 98 -1.14 -36.09 0.75
N SER A 99 -1.42 -35.15 1.67
CA SER A 99 -1.60 -33.73 1.37
C SER A 99 -0.82 -32.91 2.39
N TYR A 100 -0.19 -31.86 1.85
CA TYR A 100 0.62 -30.97 2.64
C TYR A 100 0.55 -29.56 2.01
N LYS A 101 -0.68 -29.02 1.78
CA LYS A 101 -0.87 -27.69 1.22
C LYS A 101 -0.41 -26.61 2.22
N LEU A 102 0.47 -25.71 1.76
CA LEU A 102 0.92 -24.60 2.58
C LEU A 102 -0.27 -23.72 2.96
N ILE A 103 -0.37 -23.35 4.23
CA ILE A 103 -1.39 -22.36 4.59
C ILE A 103 -0.73 -21.16 5.28
N PHE A 104 -1.38 -19.98 5.18
CA PHE A 104 -0.84 -18.72 5.70
C PHE A 104 -1.71 -18.23 6.85
N GLY A 105 -1.09 -17.74 7.94
CA GLY A 105 -1.88 -16.98 8.91
C GLY A 105 -2.25 -15.61 8.34
N SER A 106 -3.14 -14.90 9.04
CA SER A 106 -3.76 -13.73 8.42
C SER A 106 -2.92 -12.45 8.57
N GLY A 107 -1.75 -12.56 9.23
CA GLY A 107 -0.68 -11.55 9.24
C GLY A 107 -0.77 -10.59 10.42
N THR A 108 0.40 -10.05 10.82
CA THR A 108 0.46 -9.06 11.86
C THR A 108 1.14 -7.84 11.21
N ARG A 109 0.54 -6.66 11.35
CA ARG A 109 1.13 -5.43 10.82
C ARG A 109 2.05 -4.77 11.85
N LEU A 110 3.28 -4.52 11.45
CA LEU A 110 4.29 -3.98 12.35
C LEU A 110 4.60 -2.57 11.81
N LEU A 111 4.61 -1.56 12.69
CA LEU A 111 5.12 -0.22 12.40
C LEU A 111 6.35 0.04 13.28
N VAL A 112 7.54 0.26 12.70
CA VAL A 112 8.68 0.68 13.47
C VAL A 112 8.79 2.20 13.39
N ARG A 113 8.70 2.91 14.55
CA ARG A 113 8.63 4.38 14.63
C ARG A 113 10.04 4.93 14.45
N PRO A 114 10.28 5.87 13.49
CA PRO A 114 11.62 6.41 13.31
C PRO A 114 12.07 7.26 14.47
N ASP A 115 13.38 7.11 14.76
CA ASP A 115 13.96 7.90 15.82
C ASP A 115 14.26 9.30 15.27
N ILE A 116 13.52 10.34 15.70
CA ILE A 116 13.69 11.70 15.12
C ILE A 116 14.71 12.41 16.04
N GLN A 117 15.92 12.69 15.55
CA GLN A 117 16.98 13.04 16.52
C GLN A 117 16.85 14.51 16.93
N ASN A 118 16.32 15.37 16.03
CA ASN A 118 16.27 16.78 16.34
C ASN A 118 14.92 17.36 15.91
N PRO A 119 13.82 17.11 16.63
CA PRO A 119 12.51 17.54 16.21
C PRO A 119 12.45 19.05 16.15
N ASP A 120 11.62 19.53 15.22
CA ASP A 120 11.50 20.93 14.97
C ASP A 120 10.09 21.14 14.43
N PRO A 121 9.06 20.76 15.22
CA PRO A 121 7.67 20.67 14.75
C PRO A 121 7.22 22.05 14.26
N ALA A 122 6.55 22.05 13.09
CA ALA A 122 6.13 23.32 12.46
C ALA A 122 4.89 23.04 11.59
N VAL A 123 4.09 24.08 11.38
CA VAL A 123 2.96 23.93 10.45
C VAL A 123 3.20 24.98 9.40
N TYR A 124 3.35 24.57 8.11
CA TYR A 124 3.67 25.51 7.04
C TYR A 124 2.52 25.52 6.02
N GLN A 125 2.35 26.65 5.37
CA GLN A 125 1.30 26.75 4.34
C GLN A 125 2.00 26.69 3.00
N LEU A 126 1.48 25.83 2.07
CA LEU A 126 2.09 25.70 0.75
C LEU A 126 1.01 26.06 -0.28
N ARG A 127 1.42 26.83 -1.31
CA ARG A 127 0.42 27.22 -2.29
C ARG A 127 0.59 26.41 -3.55
N ASP A 128 -0.54 26.25 -4.26
CA ASP A 128 -0.58 25.48 -5.49
C ASP A 128 0.32 26.14 -6.51
N SER A 129 1.01 25.31 -7.27
CA SER A 129 1.89 25.84 -8.29
C SER A 129 1.13 26.53 -9.43
N LYS A 130 -0.09 26.06 -9.70
CA LYS A 130 -0.91 26.46 -10.84
C LYS A 130 -1.68 27.73 -10.48
N SER A 131 -1.95 27.96 -9.19
CA SER A 131 -2.78 29.12 -8.85
C SER A 131 -4.20 28.62 -8.75
N SER A 132 -4.98 29.29 -7.90
CA SER A 132 -6.32 28.83 -7.67
C SER A 132 -6.81 29.41 -6.35
N ASP A 133 -5.87 29.99 -5.58
CA ASP A 133 -6.27 30.33 -4.24
C ASP A 133 -6.23 29.04 -3.40
N LYS A 134 -5.69 27.93 -3.96
CA LYS A 134 -5.71 26.64 -3.28
C LYS A 134 -4.42 26.56 -2.48
N SER A 135 -4.58 26.06 -1.25
CA SER A 135 -3.32 25.75 -0.56
C SER A 135 -3.49 24.50 0.31
N VAL A 136 -2.34 24.03 0.85
CA VAL A 136 -2.40 23.00 1.87
C VAL A 136 -1.63 23.45 3.11
N CYS A 137 -1.83 22.72 4.21
CA CYS A 137 -1.11 22.95 5.46
C CYS A 137 -0.25 21.72 5.77
N LEU A 138 1.06 21.90 5.96
CA LEU A 138 1.89 20.75 6.14
C LEU A 138 2.43 20.80 7.59
N PHE A 139 2.01 19.85 8.46
CA PHE A 139 2.61 19.69 9.78
C PHE A 139 3.78 18.73 9.65
N THR A 140 4.96 19.15 10.10
CA THR A 140 6.17 18.38 9.77
C THR A 140 7.22 18.58 10.86
N ASP A 141 8.13 17.60 10.90
CA ASP A 141 9.35 17.62 11.74
C ASP A 141 9.06 17.34 13.22
N PHE A 142 7.89 16.74 13.51
CA PHE A 142 7.55 16.39 14.87
C PHE A 142 8.08 15.01 15.23
N ASP A 143 8.27 14.70 16.54
CA ASP A 143 8.81 13.38 16.85
C ASP A 143 7.78 12.27 16.70
N SER A 144 8.26 11.02 16.68
CA SER A 144 7.35 9.93 16.34
C SER A 144 6.35 9.67 17.50
N GLN A 145 6.47 10.38 18.63
CA GLN A 145 5.50 10.23 19.71
C GLN A 145 4.17 10.86 19.33
N THR A 146 4.18 11.71 18.30
CA THR A 146 3.07 12.60 18.03
C THR A 146 1.99 11.82 17.29
N ASN A 147 0.72 12.05 17.64
CA ASN A 147 -0.34 11.41 16.87
C ASN A 147 -1.11 12.48 16.08
N VAL A 148 -1.44 12.13 14.83
CA VAL A 148 -2.20 13.12 14.11
C VAL A 148 -3.67 12.65 14.10
N SER A 149 -4.58 13.47 14.57
CA SER A 149 -5.97 13.01 14.61
C SER A 149 -6.66 13.42 13.33
N GLN A 150 -7.62 12.58 12.91
CA GLN A 150 -8.63 12.99 11.94
C GLN A 150 -9.54 13.92 12.69
N SER A 151 -9.73 15.14 12.19
CA SER A 151 -10.51 16.16 12.90
C SER A 151 -12.00 15.83 13.04
N LYS A 152 -12.54 14.98 12.15
CA LYS A 152 -13.89 14.43 12.26
C LYS A 152 -14.94 15.47 11.84
N ASP A 153 -14.44 16.57 11.22
CA ASP A 153 -15.17 17.56 10.43
C ASP A 153 -15.16 17.15 8.96
N SER A 154 -16.38 17.07 8.37
CA SER A 154 -16.57 16.44 7.07
C SER A 154 -15.95 17.26 5.92
N ASP A 155 -15.68 18.55 6.15
CA ASP A 155 -15.23 19.40 5.07
C ASP A 155 -13.72 19.70 5.25
N VAL A 156 -13.06 19.04 6.19
CA VAL A 156 -11.59 19.25 6.32
C VAL A 156 -10.94 17.88 6.20
N TYR A 157 -9.81 17.78 5.47
CA TYR A 157 -9.23 16.48 5.27
C TYR A 157 -7.80 16.51 5.84
N ILE A 158 -7.46 15.43 6.55
CA ILE A 158 -6.18 15.33 7.23
C ILE A 158 -5.66 13.93 7.02
N THR A 159 -4.39 13.85 6.55
CA THR A 159 -3.76 12.58 6.24
C THR A 159 -3.15 12.09 7.55
N ASP A 160 -2.82 10.81 7.61
CA ASP A 160 -2.05 10.38 8.76
C ASP A 160 -0.56 10.74 8.53
N LYS A 161 0.25 10.58 9.58
CA LYS A 161 1.69 10.86 9.50
C LYS A 161 2.31 9.84 8.58
N CYS A 162 3.41 10.25 7.91
CA CYS A 162 4.10 9.43 6.96
C CYS A 162 5.56 9.83 7.13
N VAL A 163 6.49 8.87 7.09
CA VAL A 163 7.90 9.19 7.31
C VAL A 163 8.58 9.16 5.96
N LEU A 164 9.33 10.21 5.68
CA LEU A 164 10.20 10.22 4.49
C LEU A 164 11.63 10.18 4.97
N ASP A 165 12.48 9.68 4.08
CA ASP A 165 13.86 9.46 4.43
C ASP A 165 14.69 10.16 3.35
N MET A 166 15.48 11.15 3.75
CA MET A 166 16.46 11.75 2.85
C MET A 166 17.76 11.01 3.13
N ARG A 167 17.89 9.85 2.45
CA ARG A 167 18.97 8.90 2.63
C ARG A 167 20.32 9.63 2.76
N SER A 168 20.66 10.52 1.81
CA SER A 168 22.01 11.08 1.73
C SER A 168 22.23 12.28 2.65
N MET A 169 21.25 12.56 3.52
CA MET A 169 21.48 13.55 4.56
C MET A 169 21.48 12.85 5.93
N ASP A 170 21.21 11.52 5.93
CA ASP A 170 20.94 10.70 7.11
C ASP A 170 19.91 11.45 7.95
N PHE A 171 18.74 11.66 7.34
CA PHE A 171 17.70 12.50 7.91
C PHE A 171 16.38 11.84 7.60
N LYS A 172 15.51 11.71 8.60
CA LYS A 172 14.16 11.26 8.36
C LYS A 172 13.26 12.33 8.96
N SER A 173 12.03 12.45 8.45
CA SER A 173 11.14 13.40 9.08
C SER A 173 9.69 12.89 8.87
N ASN A 174 8.83 13.22 9.84
CA ASN A 174 7.44 12.82 9.72
C ASN A 174 6.65 14.01 9.13
N SER A 175 5.50 13.77 8.43
CA SER A 175 4.65 14.91 8.17
C SER A 175 3.21 14.41 7.96
N ALA A 176 2.26 15.35 8.07
CA ALA A 176 0.85 15.06 7.71
C ALA A 176 0.37 16.31 6.93
N VAL A 177 -0.70 16.15 6.11
CA VAL A 177 -1.16 17.23 5.28
C VAL A 177 -2.66 17.45 5.65
N ALA A 178 -3.08 18.70 5.71
CA ALA A 178 -4.50 19.02 5.89
C ALA A 178 -4.88 20.08 4.84
N TRP A 179 -6.14 19.99 4.37
CA TRP A 179 -6.63 20.96 3.41
C TRP A 179 -8.16 20.97 3.55
N SER A 180 -8.76 22.05 3.05
CA SER A 180 -10.20 22.21 3.23
C SER A 180 -10.62 23.36 2.34
N ASN A 181 -11.92 23.44 2.01
CA ASN A 181 -12.41 24.60 1.26
C ASN A 181 -13.15 25.59 2.16
N LYS A 182 -13.72 25.12 3.30
CA LYS A 182 -14.27 26.02 4.33
C LYS A 182 -13.48 27.33 4.32
N SER A 183 -14.20 28.45 4.18
CA SER A 183 -13.62 29.78 4.16
C SER A 183 -12.95 30.09 5.50
N ASP A 184 -13.36 29.42 6.58
CA ASP A 184 -12.74 29.71 7.87
C ASP A 184 -11.48 28.85 8.10
N PHE A 185 -11.03 28.04 7.12
CA PHE A 185 -9.89 27.14 7.38
C PHE A 185 -8.59 27.92 7.27
N ALA A 186 -7.67 27.71 8.25
CA ALA A 186 -6.35 28.32 8.23
C ALA A 186 -5.35 27.35 8.87
N CYS A 187 -4.08 27.45 8.44
CA CYS A 187 -3.12 26.50 9.02
C CYS A 187 -3.06 26.58 10.55
N ALA A 188 -3.36 27.77 11.10
CA ALA A 188 -3.35 28.03 12.54
C ALA A 188 -4.25 27.03 13.26
N ASN A 189 -5.42 26.70 12.67
CA ASN A 189 -6.45 25.89 13.31
C ASN A 189 -6.48 24.46 12.74
N ALA A 190 -5.62 24.13 11.74
CA ALA A 190 -5.90 23.00 10.88
C ALA A 190 -5.81 21.74 11.73
N PHE A 191 -4.79 21.69 12.59
CA PHE A 191 -4.53 20.52 13.41
C PHE A 191 -4.98 20.81 14.86
N ASN A 192 -6.01 21.65 15.06
CA ASN A 192 -6.57 21.88 16.40
C ASN A 192 -7.12 20.63 17.08
N ASN A 193 -7.45 19.59 16.30
CA ASN A 193 -8.03 18.38 16.86
C ASN A 193 -6.93 17.44 17.37
N SER A 194 -5.64 17.76 17.11
CA SER A 194 -4.53 16.91 17.51
C SER A 194 -3.83 17.56 18.72
N ILE A 195 -3.05 16.75 19.44
CA ILE A 195 -2.20 17.35 20.47
C ILE A 195 -0.82 17.54 19.84
N ILE A 196 -0.42 18.79 19.71
CA ILE A 196 0.82 19.11 19.03
C ILE A 196 1.70 19.88 20.00
N PRO A 197 3.03 19.76 19.82
CA PRO A 197 3.98 20.41 20.73
C PRO A 197 3.73 21.90 20.90
N GLU A 198 3.91 22.41 22.15
CA GLU A 198 3.64 23.83 22.42
C GLU A 198 4.60 24.71 21.63
N ASP A 199 5.80 24.17 21.33
CA ASP A 199 6.84 24.89 20.61
C ASP A 199 6.64 24.75 19.10
N THR A 200 5.54 24.14 18.62
CA THR A 200 5.31 24.10 17.18
C THR A 200 5.35 25.50 16.53
N PHE A 201 6.09 25.63 15.42
CA PHE A 201 6.36 26.91 14.79
C PHE A 201 5.22 27.15 13.80
N PHE A 202 4.51 28.27 14.00
CA PHE A 202 3.52 28.74 13.03
C PHE A 202 4.07 30.04 12.40
N PRO A 203 4.83 29.97 11.29
CA PRO A 203 5.27 31.21 10.64
C PRO A 203 4.07 32.11 10.32
N SER A 204 4.38 33.38 9.99
CA SER A 204 3.39 34.43 9.90
C SER A 204 2.93 34.59 8.44
N GLU B 2 15.32 -18.12 -9.60
CA GLU B 2 14.77 -16.72 -9.64
C GLU B 2 14.17 -16.42 -11.02
N ALA B 3 12.83 -16.61 -11.12
CA ALA B 3 12.00 -15.76 -11.95
C ALA B 3 10.70 -15.53 -11.17
N GLN B 4 9.56 -15.50 -11.86
CA GLN B 4 8.50 -14.69 -11.32
C GLN B 4 7.12 -15.14 -11.82
N VAL B 5 6.15 -14.60 -11.14
CA VAL B 5 4.73 -14.85 -11.41
C VAL B 5 4.05 -13.56 -11.93
N THR B 6 3.40 -13.57 -13.11
CA THR B 6 2.76 -12.35 -13.58
C THR B 6 1.25 -12.53 -13.58
N GLN B 7 0.51 -11.46 -13.33
CA GLN B 7 -0.94 -11.58 -13.38
C GLN B 7 -1.41 -10.51 -14.37
N ASN B 8 -2.48 -10.79 -15.13
CA ASN B 8 -2.98 -9.77 -16.07
C ASN B 8 -4.52 -9.84 -16.13
N PRO B 9 -5.24 -8.75 -15.87
CA PRO B 9 -4.63 -7.43 -15.58
C PRO B 9 -4.25 -7.27 -14.10
N ARG B 10 -3.53 -6.18 -13.75
CA ARG B 10 -3.22 -5.87 -12.38
C ARG B 10 -4.36 -5.08 -11.74
N TYR B 11 -5.14 -4.37 -12.57
CA TYR B 11 -6.29 -3.64 -12.03
C TYR B 11 -7.50 -3.83 -12.95
N LEU B 12 -8.73 -3.96 -12.38
CA LEU B 12 -9.84 -4.18 -13.30
C LEU B 12 -11.12 -3.66 -12.65
N ILE B 13 -11.97 -3.01 -13.45
CA ILE B 13 -13.29 -2.56 -12.95
C ILE B 13 -14.25 -3.33 -13.86
N THR B 14 -15.35 -3.79 -13.30
CA THR B 14 -16.35 -4.47 -14.13
C THR B 14 -17.73 -4.14 -13.56
N VAL B 15 -18.76 -4.18 -14.39
CA VAL B 15 -20.12 -4.16 -13.82
C VAL B 15 -20.52 -5.55 -13.32
N THR B 16 -21.35 -5.60 -12.26
CA THR B 16 -21.96 -6.81 -11.75
C THR B 16 -22.51 -7.64 -12.90
N GLY B 17 -22.13 -8.93 -12.91
CA GLY B 17 -22.73 -9.91 -13.78
C GLY B 17 -21.99 -10.09 -15.10
N LYS B 18 -20.99 -9.26 -15.44
CA LYS B 18 -20.35 -9.42 -16.73
C LYS B 18 -19.05 -10.23 -16.60
N LYS B 19 -18.94 -11.35 -17.32
CA LYS B 19 -17.88 -12.33 -17.11
C LYS B 19 -16.51 -11.70 -17.37
N LEU B 20 -15.49 -12.15 -16.63
CA LEU B 20 -14.12 -11.68 -16.80
C LEU B 20 -13.24 -12.85 -16.38
N THR B 21 -12.00 -12.77 -16.88
CA THR B 21 -11.01 -13.74 -16.50
C THR B 21 -9.72 -12.99 -16.16
N VAL B 22 -9.04 -13.47 -15.09
CA VAL B 22 -7.70 -12.91 -14.79
C VAL B 22 -6.66 -14.00 -15.05
N THR B 23 -5.61 -13.67 -15.82
CA THR B 23 -4.58 -14.68 -16.08
C THR B 23 -3.47 -14.64 -15.02
N CYS B 24 -2.86 -15.82 -14.85
CA CYS B 24 -1.68 -15.91 -14.00
C CYS B 24 -0.71 -16.77 -14.78
N SER B 25 0.56 -16.34 -14.83
CA SER B 25 1.47 -17.12 -15.66
C SER B 25 2.84 -17.15 -15.00
N GLN B 26 3.52 -18.28 -15.18
CA GLN B 26 4.87 -18.34 -14.58
C GLN B 26 5.71 -19.16 -15.53
N ASN B 27 7.00 -18.81 -15.56
CA ASN B 27 7.80 -19.41 -16.62
C ASN B 27 8.78 -20.43 -16.04
N MET B 28 8.60 -20.81 -14.77
CA MET B 28 9.48 -21.72 -14.03
C MET B 28 9.11 -23.20 -14.17
N ASN B 29 8.13 -23.52 -15.00
CA ASN B 29 7.66 -24.89 -15.15
C ASN B 29 7.22 -25.52 -13.82
N HIS B 30 6.73 -24.71 -12.85
CA HIS B 30 6.26 -25.24 -11.59
C HIS B 30 4.97 -26.01 -11.83
N GLU B 31 4.81 -27.13 -11.07
CA GLU B 31 3.60 -27.91 -11.17
C GLU B 31 2.45 -27.28 -10.38
N TYR B 32 2.72 -26.70 -9.21
CA TYR B 32 1.63 -26.26 -8.31
C TYR B 32 1.36 -24.77 -8.52
N MET B 33 0.07 -24.44 -8.74
CA MET B 33 -0.34 -23.02 -8.76
C MET B 33 -1.64 -22.84 -7.95
N SER B 34 -1.80 -21.62 -7.38
CA SER B 34 -2.89 -21.42 -6.43
C SER B 34 -3.41 -19.99 -6.61
N TRP B 35 -4.72 -19.78 -6.40
CA TRP B 35 -5.30 -18.44 -6.34
C TRP B 35 -5.82 -18.17 -4.93
N TYR B 36 -5.47 -16.99 -4.41
CA TYR B 36 -6.05 -16.52 -3.15
C TYR B 36 -6.73 -15.18 -3.34
N ARG B 37 -7.69 -14.82 -2.43
CA ARG B 37 -8.02 -13.42 -2.25
C ARG B 37 -7.57 -12.93 -0.87
N GLN B 38 -7.32 -11.62 -0.76
CA GLN B 38 -6.97 -10.97 0.48
C GLN B 38 -7.98 -9.84 0.72
N ASP B 39 -8.55 -9.90 1.91
CA ASP B 39 -9.53 -8.91 2.35
C ASP B 39 -9.26 -8.46 3.80
N PRO B 40 -9.54 -7.18 4.17
CA PRO B 40 -9.26 -6.66 5.53
C PRO B 40 -9.80 -7.60 6.60
N GLY B 41 -8.94 -7.99 7.56
CA GLY B 41 -9.39 -8.80 8.68
C GLY B 41 -9.29 -10.32 8.43
N LEU B 42 -9.22 -10.74 7.15
CA LEU B 42 -9.27 -12.15 6.79
C LEU B 42 -7.93 -12.66 6.22
N GLY B 43 -6.97 -11.78 5.92
CA GLY B 43 -5.69 -12.27 5.36
C GLY B 43 -5.95 -13.01 4.04
N LEU B 44 -5.02 -13.90 3.60
CA LEU B 44 -5.13 -14.72 2.40
C LEU B 44 -6.06 -15.91 2.56
N ARG B 45 -7.04 -16.01 1.68
CA ARG B 45 -7.90 -17.18 1.67
C ARG B 45 -7.85 -17.84 0.28
N GLN B 46 -7.61 -19.15 0.23
CA GLN B 46 -7.41 -19.87 -1.03
C GLN B 46 -8.78 -20.10 -1.68
N ILE B 47 -8.88 -19.72 -2.97
CA ILE B 47 -10.04 -19.91 -3.81
C ILE B 47 -9.98 -21.27 -4.53
N TYR B 48 -8.84 -21.58 -5.19
CA TYR B 48 -8.75 -22.79 -5.99
C TYR B 48 -7.26 -23.10 -6.13
N TYR B 49 -6.90 -24.36 -6.36
CA TYR B 49 -5.48 -24.67 -6.60
C TYR B 49 -5.36 -25.80 -7.61
N SER B 50 -4.16 -25.94 -8.21
CA SER B 50 -3.95 -26.89 -9.27
C SER B 50 -2.61 -27.57 -9.01
N MET B 51 -2.60 -28.89 -8.74
CA MET B 51 -1.36 -29.56 -8.43
C MET B 51 -0.52 -29.80 -9.68
N ASN B 52 -1.14 -29.82 -10.83
CA ASN B 52 -0.37 -30.02 -12.06
C ASN B 52 -1.30 -29.77 -13.23
N VAL B 53 -0.77 -29.81 -14.46
CA VAL B 53 -1.59 -29.76 -15.68
C VAL B 53 -2.82 -30.65 -15.56
N GLU B 54 -4.02 -30.11 -15.84
CA GLU B 54 -5.29 -30.82 -15.94
C GLU B 54 -5.77 -31.31 -14.56
N VAL B 55 -5.17 -30.82 -13.48
CA VAL B 55 -5.60 -31.12 -12.11
C VAL B 55 -5.97 -29.82 -11.40
N THR B 56 -7.26 -29.67 -11.07
CA THR B 56 -7.69 -28.53 -10.28
C THR B 56 -8.59 -29.01 -9.14
N ASP B 57 -8.67 -28.20 -8.06
CA ASP B 57 -9.32 -28.59 -6.81
C ASP B 57 -9.83 -27.31 -6.15
N LYS B 58 -11.09 -27.33 -5.67
CA LYS B 58 -11.56 -26.21 -4.89
C LYS B 58 -10.75 -25.99 -3.61
N GLY B 59 -10.57 -24.71 -3.28
CA GLY B 59 -9.95 -24.27 -2.04
C GLY B 59 -11.07 -23.98 -1.03
N ASP B 60 -10.80 -23.11 -0.07
CA ASP B 60 -11.75 -22.81 1.02
C ASP B 60 -12.91 -21.90 0.61
N VAL B 61 -12.70 -20.97 -0.35
CA VAL B 61 -13.74 -20.03 -0.79
C VAL B 61 -13.91 -20.02 -2.33
N PRO B 62 -14.31 -21.16 -2.94
CA PRO B 62 -14.46 -21.29 -4.40
C PRO B 62 -15.70 -20.68 -5.00
N GLU B 63 -16.72 -20.35 -4.18
CA GLU B 63 -18.01 -20.04 -4.77
C GLU B 63 -17.93 -18.78 -5.66
N GLY B 64 -18.41 -18.87 -6.92
CA GLY B 64 -18.36 -17.69 -7.77
C GLY B 64 -17.13 -17.69 -8.69
N TYR B 65 -16.25 -18.70 -8.52
CA TYR B 65 -14.99 -18.80 -9.28
C TYR B 65 -14.87 -20.14 -9.97
N LYS B 66 -14.19 -20.15 -11.13
CA LYS B 66 -13.77 -21.42 -11.72
C LYS B 66 -12.33 -21.20 -12.20
N VAL B 67 -11.62 -22.30 -12.51
CA VAL B 67 -10.25 -22.14 -13.05
C VAL B 67 -10.08 -23.13 -14.20
N SER B 68 -8.90 -23.16 -14.85
CA SER B 68 -8.52 -24.27 -15.71
C SER B 68 -7.01 -24.42 -15.65
N ARG B 69 -6.49 -25.57 -16.13
CA ARG B 69 -5.06 -25.77 -16.16
C ARG B 69 -4.71 -26.61 -17.40
N LYS B 70 -4.79 -26.01 -18.61
CA LYS B 70 -4.49 -26.73 -19.82
C LYS B 70 -2.99 -26.87 -19.96
N GLU B 71 -2.24 -25.90 -19.40
CA GLU B 71 -0.82 -26.02 -19.54
C GLU B 71 -0.10 -25.60 -18.25
N LYS B 72 1.20 -26.00 -18.11
CA LYS B 72 1.85 -25.69 -16.84
C LYS B 72 2.01 -24.19 -16.62
N ARG B 73 2.18 -23.42 -17.70
CA ARG B 73 2.58 -22.01 -17.66
C ARG B 73 1.45 -21.18 -17.05
N ASN B 74 0.19 -21.58 -17.16
CA ASN B 74 -0.91 -20.66 -16.94
C ASN B 74 -1.92 -21.27 -15.99
N PHE B 75 -2.60 -20.39 -15.23
CA PHE B 75 -3.68 -20.87 -14.37
C PHE B 75 -4.67 -19.70 -14.26
N PRO B 76 -5.66 -19.61 -15.15
CA PRO B 76 -6.58 -18.48 -15.12
C PRO B 76 -7.71 -18.67 -14.12
N LEU B 77 -8.12 -17.52 -13.56
CA LEU B 77 -9.26 -17.41 -12.65
C LEU B 77 -10.42 -16.77 -13.42
N ILE B 78 -11.57 -17.48 -13.38
CA ILE B 78 -12.69 -17.08 -14.23
C ILE B 78 -13.88 -16.80 -13.29
N LEU B 79 -14.50 -15.61 -13.43
CA LEU B 79 -15.66 -15.20 -12.66
C LEU B 79 -16.79 -15.05 -13.67
N GLU B 80 -17.64 -16.08 -13.75
CA GLU B 80 -18.71 -16.11 -14.75
C GLU B 80 -19.71 -14.96 -14.50
N SER B 81 -19.97 -14.67 -13.24
CA SER B 81 -20.99 -13.66 -12.94
C SER B 81 -20.55 -12.81 -11.75
N PRO B 82 -19.53 -11.90 -11.92
CA PRO B 82 -19.03 -11.11 -10.81
C PRO B 82 -20.08 -10.47 -9.94
N SER B 83 -19.89 -10.58 -8.63
CA SER B 83 -20.78 -9.92 -7.68
C SER B 83 -19.96 -8.90 -6.90
N PRO B 84 -20.58 -7.83 -6.31
CA PRO B 84 -19.84 -6.87 -5.49
C PRO B 84 -18.95 -7.48 -4.41
N ASN B 85 -19.34 -8.60 -3.74
CA ASN B 85 -18.48 -9.09 -2.67
C ASN B 85 -17.23 -9.82 -3.22
N GLN B 86 -17.13 -9.92 -4.56
CA GLN B 86 -15.86 -10.33 -5.24
C GLN B 86 -14.89 -9.18 -5.49
N THR B 87 -15.30 -7.96 -5.10
CA THR B 87 -14.37 -6.84 -5.03
C THR B 87 -13.23 -7.22 -4.07
N SER B 88 -11.96 -7.29 -4.56
CA SER B 88 -10.93 -7.79 -3.64
C SER B 88 -9.57 -7.64 -4.31
N LEU B 89 -8.55 -8.11 -3.59
CA LEU B 89 -7.18 -8.15 -4.09
C LEU B 89 -6.83 -9.64 -4.23
N TYR B 90 -6.54 -10.03 -5.47
CA TYR B 90 -6.28 -11.44 -5.75
C TYR B 90 -4.79 -11.67 -6.00
N PHE B 91 -4.30 -12.77 -5.42
CA PHE B 91 -2.90 -13.15 -5.60
C PHE B 91 -2.84 -14.59 -6.13
N CYS B 92 -2.03 -14.77 -7.19
CA CYS B 92 -1.72 -16.07 -7.73
C CYS B 92 -0.37 -16.46 -7.16
N ALA B 93 -0.21 -17.74 -6.85
CA ALA B 93 1.13 -18.16 -6.44
C ALA B 93 1.49 -19.50 -7.08
N SER B 94 2.83 -19.74 -7.17
CA SER B 94 3.33 -20.97 -7.79
C SER B 94 4.46 -21.58 -6.96
N SER B 95 4.58 -22.91 -6.98
CA SER B 95 5.71 -23.51 -6.29
C SER B 95 6.04 -24.85 -6.92
N ILE B 96 7.27 -25.31 -6.64
CA ILE B 96 7.64 -26.58 -7.23
C ILE B 96 6.60 -27.64 -6.78
N GLN B 97 6.00 -27.54 -5.55
CA GLN B 97 5.05 -28.54 -5.04
C GLN B 97 4.10 -27.89 -4.04
N GLN B 98 3.04 -28.61 -3.61
CA GLN B 98 1.91 -27.92 -2.95
C GLN B 98 2.27 -27.29 -1.61
N GLY B 99 3.33 -27.84 -0.98
CA GLY B 99 3.82 -27.28 0.27
C GLY B 99 5.29 -27.66 0.53
N ALA B 100 5.73 -27.41 1.78
CA ALA B 100 7.09 -27.69 2.22
C ALA B 100 8.09 -27.17 1.18
N ASP B 101 7.81 -25.98 0.66
CA ASP B 101 8.59 -25.39 -0.41
C ASP B 101 8.11 -23.94 -0.53
N THR B 102 9.00 -23.09 -1.03
CA THR B 102 8.70 -21.67 -1.28
C THR B 102 7.57 -21.50 -2.30
N GLN B 103 6.61 -20.64 -1.95
CA GLN B 103 5.64 -20.14 -2.92
C GLN B 103 6.03 -18.73 -3.36
N TYR B 104 5.93 -18.53 -4.66
CA TYR B 104 6.29 -17.26 -5.27
C TYR B 104 4.96 -16.58 -5.59
N PHE B 105 4.78 -15.31 -5.16
CA PHE B 105 3.47 -14.69 -5.39
C PHE B 105 3.54 -13.68 -6.50
N GLY B 106 2.46 -13.55 -7.29
CA GLY B 106 2.35 -12.48 -8.27
C GLY B 106 2.14 -11.14 -7.56
N PRO B 107 2.02 -10.01 -8.30
CA PRO B 107 1.99 -8.69 -7.68
C PRO B 107 0.58 -8.32 -7.19
N GLY B 108 -0.43 -9.11 -7.57
CA GLY B 108 -1.79 -8.82 -7.10
C GLY B 108 -2.65 -8.26 -8.22
N THR B 109 -3.96 -8.54 -8.17
CA THR B 109 -4.84 -7.97 -9.17
C THR B 109 -5.90 -7.34 -8.27
N ARG B 110 -6.15 -6.02 -8.45
CA ARG B 110 -7.18 -5.37 -7.65
C ARG B 110 -8.43 -5.33 -8.55
N LEU B 111 -9.51 -5.99 -8.13
CA LEU B 111 -10.72 -6.00 -8.95
C LEU B 111 -11.81 -5.26 -8.15
N THR B 112 -12.53 -4.35 -8.86
CA THR B 112 -13.68 -3.69 -8.26
C THR B 112 -14.91 -4.01 -9.13
N VAL B 113 -15.98 -4.46 -8.48
CA VAL B 113 -17.19 -4.88 -9.22
C VAL B 113 -18.31 -3.95 -8.78
N LEU B 114 -18.81 -3.16 -9.72
CA LEU B 114 -19.75 -2.08 -9.42
C LEU B 114 -21.10 -2.40 -10.03
N GLU B 115 -22.13 -1.78 -9.46
CA GLU B 115 -23.49 -1.91 -9.97
C GLU B 115 -23.56 -1.28 -11.37
N ASP B 116 -22.90 -0.14 -11.56
CA ASP B 116 -22.67 0.43 -12.88
C ASP B 116 -21.38 1.29 -12.84
N LEU B 117 -21.06 1.98 -13.92
CA LEU B 117 -19.75 2.62 -13.99
C LEU B 117 -19.86 4.14 -13.86
N LYS B 118 -21.06 4.61 -13.46
CA LYS B 118 -21.35 6.05 -13.43
C LYS B 118 -20.43 6.72 -12.41
N ASN B 119 -20.02 6.01 -11.34
CA ASN B 119 -19.26 6.69 -10.30
C ASN B 119 -17.74 6.52 -10.49
N VAL B 120 -17.28 6.20 -11.71
CA VAL B 120 -15.82 6.06 -11.93
C VAL B 120 -15.30 7.42 -12.39
N PHE B 121 -14.21 7.92 -11.79
CA PHE B 121 -13.69 9.23 -12.15
C PHE B 121 -12.16 9.20 -12.02
N PRO B 122 -11.41 9.85 -12.93
CA PRO B 122 -9.93 9.89 -12.88
C PRO B 122 -9.58 10.96 -11.84
N PRO B 123 -8.34 10.93 -11.32
CA PRO B 123 -7.88 11.97 -10.42
C PRO B 123 -7.63 13.31 -11.11
N GLU B 124 -7.81 14.38 -10.32
CA GLU B 124 -7.17 15.60 -10.67
C GLU B 124 -5.90 15.72 -9.79
N VAL B 125 -4.86 16.37 -10.29
CA VAL B 125 -3.56 16.35 -9.58
C VAL B 125 -3.05 17.80 -9.42
N ALA B 126 -2.53 18.16 -8.24
CA ALA B 126 -1.97 19.50 -8.04
C ALA B 126 -0.71 19.35 -7.18
N VAL B 127 0.29 20.17 -7.50
CA VAL B 127 1.57 20.23 -6.74
C VAL B 127 1.58 21.55 -5.99
N PHE B 128 1.83 21.48 -4.69
CA PHE B 128 1.93 22.69 -3.88
C PHE B 128 3.40 22.97 -3.56
N GLU B 129 3.86 24.22 -3.82
CA GLU B 129 5.28 24.47 -3.79
C GLU B 129 5.74 24.71 -2.36
N PRO B 130 7.03 24.43 -2.06
CA PRO B 130 7.54 24.63 -0.70
C PRO B 130 7.36 26.02 -0.09
N SER B 131 7.12 26.04 1.20
CA SER B 131 6.99 27.27 2.00
C SER B 131 8.33 27.98 2.10
N GLU B 132 8.34 29.29 1.80
CA GLU B 132 9.54 30.08 2.05
C GLU B 132 9.97 30.05 3.53
N ALA B 133 9.01 29.90 4.43
CA ALA B 133 9.24 29.79 5.87
C ALA B 133 10.01 28.49 6.15
N GLU B 134 9.58 27.36 5.54
CA GLU B 134 10.34 26.10 5.72
C GLU B 134 11.78 26.24 5.21
N ILE B 135 11.95 26.88 4.05
CA ILE B 135 13.28 27.03 3.47
C ILE B 135 14.17 27.79 4.46
N SER B 136 13.64 28.92 4.99
CA SER B 136 14.46 29.72 5.87
C SER B 136 14.71 29.04 7.23
N HIS B 137 13.73 28.29 7.71
CA HIS B 137 13.86 27.67 9.01
C HIS B 137 14.75 26.44 8.93
N THR B 138 14.79 25.73 7.80
CA THR B 138 15.34 24.37 7.86
C THR B 138 16.44 24.11 6.81
N GLN B 139 16.49 24.94 5.78
CA GLN B 139 17.31 24.76 4.58
C GLN B 139 16.89 23.50 3.83
N LYS B 140 15.62 23.12 3.98
CA LYS B 140 15.06 22.07 3.16
C LYS B 140 13.70 22.59 2.61
N ALA B 141 13.16 21.86 1.64
CA ALA B 141 12.01 22.32 0.88
C ALA B 141 11.12 21.12 0.57
N THR B 142 9.88 21.14 1.10
CA THR B 142 8.96 20.01 0.87
C THR B 142 7.88 20.44 -0.14
N LEU B 143 7.73 19.71 -1.24
CA LEU B 143 6.59 19.83 -2.19
C LEU B 143 5.55 18.83 -1.72
N VAL B 144 4.25 19.18 -1.96
CA VAL B 144 3.20 18.24 -1.60
C VAL B 144 2.45 18.03 -2.89
N CYS B 145 2.06 16.77 -3.18
CA CYS B 145 1.17 16.49 -4.32
C CYS B 145 -0.17 16.01 -3.76
N LEU B 146 -1.29 16.50 -4.34
CA LEU B 146 -2.58 15.96 -3.95
C LEU B 146 -3.27 15.38 -5.17
N ALA B 147 -3.72 14.11 -5.08
CA ALA B 147 -4.53 13.56 -6.18
C ALA B 147 -5.94 13.53 -5.61
N THR B 148 -6.94 14.16 -6.35
CA THR B 148 -8.25 14.26 -5.74
C THR B 148 -9.29 13.76 -6.77
N GLY B 149 -10.46 13.47 -6.23
CA GLY B 149 -11.65 13.20 -7.05
C GLY B 149 -11.71 11.83 -7.72
N PHE B 150 -10.77 10.89 -7.45
CA PHE B 150 -10.78 9.66 -8.22
C PHE B 150 -11.63 8.56 -7.55
N TYR B 151 -12.09 7.62 -8.39
CA TYR B 151 -12.79 6.45 -7.86
C TYR B 151 -12.83 5.41 -8.99
N PRO B 152 -12.49 4.13 -8.76
CA PRO B 152 -12.20 3.59 -7.43
C PRO B 152 -10.76 3.91 -7.06
N ASP B 153 -10.30 3.34 -5.95
CA ASP B 153 -8.95 3.65 -5.46
C ASP B 153 -7.91 2.83 -6.25
N HIS B 154 -7.82 3.04 -7.57
CA HIS B 154 -6.91 2.28 -8.41
C HIS B 154 -5.84 3.26 -8.93
N VAL B 155 -4.88 3.68 -8.08
CA VAL B 155 -3.90 4.68 -8.54
C VAL B 155 -2.49 4.31 -8.11
N GLU B 156 -1.51 4.77 -8.92
CA GLU B 156 -0.10 4.69 -8.48
C GLU B 156 0.57 6.05 -8.66
N LEU B 157 1.03 6.64 -7.54
CA LEU B 157 1.59 8.00 -7.60
C LEU B 157 3.13 7.92 -7.59
N SER B 158 3.81 8.73 -8.40
CA SER B 158 5.26 8.73 -8.38
C SER B 158 5.74 10.17 -8.57
N TRP B 159 7.04 10.38 -8.20
CA TRP B 159 7.59 11.70 -8.43
C TRP B 159 8.74 11.58 -9.47
N TRP B 160 8.92 12.62 -10.29
CA TRP B 160 9.89 12.66 -11.39
C TRP B 160 10.58 14.00 -11.31
N VAL B 161 11.93 13.96 -11.22
CA VAL B 161 12.68 15.18 -11.07
C VAL B 161 13.55 15.24 -12.33
N ASN B 162 13.34 16.24 -13.19
CA ASN B 162 14.14 16.40 -14.42
C ASN B 162 14.03 15.15 -15.28
N GLY B 163 12.83 14.58 -15.26
CA GLY B 163 12.43 13.54 -16.16
C GLY B 163 12.78 12.13 -15.70
N LYS B 164 13.29 12.00 -14.49
CA LYS B 164 13.59 10.68 -13.96
C LYS B 164 12.87 10.47 -12.63
N GLU B 165 12.38 9.27 -12.44
CA GLU B 165 11.69 8.95 -11.17
C GLU B 165 12.62 8.97 -9.96
N VAL B 166 12.11 9.50 -8.83
CA VAL B 166 12.84 9.61 -7.56
C VAL B 166 12.11 8.81 -6.48
N HIS B 167 12.88 8.25 -5.55
CA HIS B 167 12.24 7.60 -4.42
C HIS B 167 12.76 8.20 -3.11
N SER B 168 14.01 8.61 -3.09
CA SER B 168 14.53 9.20 -1.87
C SER B 168 13.80 10.48 -1.49
N GLY B 169 13.51 10.64 -0.19
CA GLY B 169 12.90 11.88 0.27
C GLY B 169 11.40 11.97 -0.07
N VAL B 170 10.78 10.84 -0.40
CA VAL B 170 9.33 10.73 -0.71
C VAL B 170 8.62 9.99 0.38
N CYS B 171 7.37 10.43 0.69
CA CYS B 171 6.52 9.43 1.29
C CYS B 171 5.07 9.72 0.92
N THR B 172 4.38 8.67 0.52
CA THR B 172 2.99 8.73 -0.02
C THR B 172 2.04 8.08 1.01
N ASP B 173 0.85 8.61 1.19
CA ASP B 173 -0.06 7.97 2.17
C ASP B 173 -0.22 6.51 1.80
N PRO B 174 -0.26 5.58 2.80
CA PRO B 174 -0.51 4.17 2.50
C PRO B 174 -1.92 3.89 1.94
N GLN B 175 -2.92 4.67 2.36
CA GLN B 175 -4.27 4.62 1.76
C GLN B 175 -4.81 6.02 1.53
N PRO B 176 -5.68 6.21 0.50
CA PRO B 176 -6.38 7.49 0.33
C PRO B 176 -7.42 7.64 1.42
N LEU B 177 -7.99 8.83 1.48
CA LEU B 177 -9.14 9.10 2.33
C LEU B 177 -10.32 9.44 1.44
N LYS B 178 -11.58 9.42 1.96
CA LYS B 178 -12.72 9.77 1.13
C LYS B 178 -13.02 11.26 1.23
N GLU B 179 -13.24 11.89 0.07
CA GLU B 179 -13.48 13.33 0.02
C GLU B 179 -14.90 13.71 0.42
N GLN B 180 -15.85 12.81 0.19
CA GLN B 180 -17.24 13.14 0.41
C GLN B 180 -17.89 11.93 1.08
N PRO B 181 -17.35 11.55 2.29
CA PRO B 181 -17.67 10.26 2.88
C PRO B 181 -19.16 10.31 3.31
N ALA B 182 -19.78 11.51 3.22
CA ALA B 182 -21.23 11.72 3.42
C ALA B 182 -22.07 11.18 2.23
N LEU B 183 -21.41 10.96 1.08
CA LEU B 183 -22.11 10.48 -0.11
C LEU B 183 -21.72 9.02 -0.36
N ASN B 184 -22.55 8.28 -1.11
CA ASN B 184 -22.24 6.92 -1.53
C ASN B 184 -21.11 6.90 -2.58
N ASP B 185 -20.29 5.84 -2.54
CA ASP B 185 -19.18 5.76 -3.48
C ASP B 185 -18.36 7.06 -3.50
N SER B 186 -18.05 7.61 -2.33
CA SER B 186 -17.14 8.74 -2.20
C SER B 186 -15.88 8.55 -3.05
N ARG B 187 -15.64 9.56 -3.92
CA ARG B 187 -14.34 9.79 -4.55
C ARG B 187 -13.25 9.95 -3.48
N TYR B 188 -11.97 9.81 -3.90
CA TYR B 188 -10.95 9.63 -2.90
C TYR B 188 -9.89 10.68 -3.11
N ALA B 189 -9.04 10.90 -2.09
CA ALA B 189 -7.92 11.82 -2.30
C ALA B 189 -6.68 11.15 -1.73
N LEU B 190 -5.48 11.53 -2.22
CA LEU B 190 -4.27 10.84 -1.72
C LEU B 190 -3.18 11.95 -1.73
N SER B 191 -2.33 12.03 -0.69
CA SER B 191 -1.27 13.04 -0.70
C SER B 191 0.09 12.34 -0.63
N SER B 192 1.11 13.06 -1.15
CA SER B 192 2.48 12.58 -1.08
C SER B 192 3.39 13.79 -0.88
N ARG B 193 4.60 13.57 -0.29
CA ARG B 193 5.52 14.64 -0.06
C ARG B 193 6.85 14.24 -0.73
N LEU B 194 7.51 15.25 -1.30
CA LEU B 194 8.90 15.07 -1.76
C LEU B 194 9.70 16.20 -1.12
N ARG B 195 10.79 15.87 -0.39
CA ARG B 195 11.57 16.90 0.26
C ARG B 195 13.02 16.89 -0.33
N VAL B 196 13.47 18.06 -0.69
CA VAL B 196 14.79 18.21 -1.32
C VAL B 196 15.50 19.28 -0.50
N SER B 197 16.82 19.49 -0.80
CA SER B 197 17.49 20.58 -0.11
C SER B 197 17.02 21.93 -0.63
N ALA B 198 17.13 23.00 0.16
CA ALA B 198 16.84 24.35 -0.34
C ALA B 198 17.63 24.69 -1.61
N THR B 199 18.93 24.32 -1.67
CA THR B 199 19.78 24.60 -2.84
C THR B 199 19.11 24.03 -4.10
N PHE B 200 18.64 22.78 -3.98
CA PHE B 200 18.08 22.08 -5.11
C PHE B 200 16.77 22.74 -5.54
N TRP B 201 15.84 23.04 -4.60
CA TRP B 201 14.61 23.69 -4.95
C TRP B 201 14.89 25.06 -5.60
N GLN B 202 15.90 25.78 -5.13
CA GLN B 202 16.20 27.14 -5.55
C GLN B 202 16.63 27.26 -7.02
N ASN B 203 17.05 26.16 -7.61
CA ASN B 203 17.55 26.25 -8.99
C ASN B 203 16.35 26.21 -9.97
N PRO B 204 16.09 27.26 -10.79
CA PRO B 204 14.92 27.31 -11.70
C PRO B 204 15.01 26.30 -12.83
N ARG B 205 16.19 25.65 -12.98
CA ARG B 205 16.27 24.63 -14.02
C ARG B 205 15.69 23.30 -13.52
N ASN B 206 15.46 23.14 -12.21
CA ASN B 206 15.04 21.84 -11.75
C ASN B 206 13.51 21.76 -11.95
N HIS B 207 13.01 20.62 -12.46
CA HIS B 207 11.60 20.48 -12.80
C HIS B 207 11.08 19.29 -11.98
N PHE B 208 9.91 19.50 -11.34
CA PHE B 208 9.39 18.46 -10.45
C PHE B 208 7.98 18.09 -10.94
N ARG B 209 7.68 16.78 -11.08
CA ARG B 209 6.37 16.37 -11.57
C ARG B 209 5.82 15.26 -10.66
N CYS B 210 4.57 15.42 -10.22
CA CYS B 210 3.86 14.41 -9.48
C CYS B 210 2.95 13.75 -10.51
N GLN B 211 3.19 12.46 -10.77
CA GLN B 211 2.51 11.70 -11.80
C GLN B 211 1.58 10.70 -11.15
N VAL B 212 0.29 10.68 -11.56
CA VAL B 212 -0.61 9.68 -11.01
C VAL B 212 -1.12 8.83 -12.17
N GLN B 213 -0.73 7.54 -12.17
CA GLN B 213 -1.35 6.56 -13.08
C GLN B 213 -2.69 6.10 -12.48
N PHE B 214 -3.78 6.26 -13.22
CA PHE B 214 -5.14 5.87 -12.82
C PHE B 214 -5.44 4.66 -13.70
N TYR B 215 -6.02 3.62 -13.11
CA TYR B 215 -6.46 2.53 -13.94
C TYR B 215 -8.00 2.53 -13.89
N GLY B 216 -8.59 2.70 -15.07
CA GLY B 216 -10.02 2.96 -15.15
C GLY B 216 -10.65 2.07 -16.20
N LEU B 217 -11.56 2.61 -16.99
CA LEU B 217 -12.27 1.79 -17.94
C LEU B 217 -11.40 1.47 -19.16
N SER B 218 -11.82 0.41 -19.87
CA SER B 218 -11.05 0.03 -21.06
C SER B 218 -11.79 0.50 -22.29
N GLU B 219 -11.11 0.38 -23.45
CA GLU B 219 -11.60 0.72 -24.78
C GLU B 219 -13.03 0.24 -24.96
N ASN B 220 -13.30 -0.99 -24.55
CA ASN B 220 -14.54 -1.68 -24.87
C ASN B 220 -15.68 -1.20 -23.99
N ASP B 221 -15.39 -0.77 -22.74
CA ASP B 221 -16.44 -0.35 -21.82
C ASP B 221 -17.31 0.71 -22.51
N GLU B 222 -18.63 0.55 -22.39
CA GLU B 222 -19.59 1.52 -22.90
C GLU B 222 -19.63 2.70 -21.95
N TRP B 223 -19.74 3.91 -22.50
CA TRP B 223 -19.78 5.13 -21.72
C TRP B 223 -20.90 6.03 -22.28
N THR B 224 -21.78 6.55 -21.41
CA THR B 224 -22.94 7.32 -21.85
C THR B 224 -23.13 8.60 -21.03
N GLN B 225 -22.23 8.90 -20.10
CA GLN B 225 -22.37 10.13 -19.35
C GLN B 225 -21.78 11.23 -20.21
N ASP B 226 -22.11 12.48 -19.84
CA ASP B 226 -21.67 13.62 -20.63
C ASP B 226 -20.15 13.73 -20.71
N ARG B 227 -19.48 13.59 -19.56
CA ARG B 227 -18.05 13.87 -19.42
C ARG B 227 -17.16 12.81 -20.08
N ALA B 228 -15.89 13.12 -20.18
CA ALA B 228 -14.97 12.26 -20.88
C ALA B 228 -14.93 10.89 -20.20
N LYS B 229 -14.82 9.84 -21.01
CA LYS B 229 -14.79 8.48 -20.47
C LYS B 229 -13.59 8.35 -19.52
N PRO B 230 -13.76 7.86 -18.26
CA PRO B 230 -12.63 7.67 -17.29
C PRO B 230 -11.75 6.46 -17.56
N VAL B 231 -11.03 6.56 -18.69
CA VAL B 231 -10.21 5.44 -19.11
C VAL B 231 -8.94 5.43 -18.24
N THR B 232 -8.20 4.32 -18.25
CA THR B 232 -6.81 4.27 -17.78
C THR B 232 -6.06 5.43 -18.40
N GLN B 233 -5.29 6.17 -17.56
CA GLN B 233 -4.58 7.35 -18.03
C GLN B 233 -3.60 7.83 -16.94
N ILE B 234 -2.62 8.64 -17.36
CA ILE B 234 -1.79 9.39 -16.42
C ILE B 234 -2.28 10.83 -16.31
N VAL B 235 -2.34 11.32 -15.06
CA VAL B 235 -2.61 12.73 -14.83
C VAL B 235 -1.46 13.25 -13.95
N SER B 236 -0.81 14.37 -14.36
CA SER B 236 0.36 14.92 -13.68
C SER B 236 0.13 16.39 -13.32
N ALA B 237 0.95 16.91 -12.39
CA ALA B 237 1.06 18.34 -12.19
C ALA B 237 2.52 18.62 -11.97
N GLU B 238 2.96 19.86 -12.19
CA GLU B 238 4.39 20.14 -12.20
C GLU B 238 4.68 21.45 -11.48
N ALA B 239 5.95 21.64 -11.12
CA ALA B 239 6.44 22.88 -10.54
C ALA B 239 7.87 22.99 -11.02
N TRP B 240 8.33 24.24 -11.23
CA TRP B 240 9.77 24.48 -11.44
C TRP B 240 10.38 25.09 -10.20
N GLY B 241 11.70 24.87 -10.00
CA GLY B 241 12.36 25.58 -8.94
C GLY B 241 12.30 27.09 -9.11
N ARG B 242 12.61 27.78 -8.04
CA ARG B 242 12.49 29.24 -7.93
C ARG B 242 13.67 29.72 -7.10
N ALA B 243 14.44 30.71 -7.59
CA ALA B 243 15.45 31.42 -6.79
C ALA B 243 14.89 31.99 -5.47
N ASP B 244 13.62 32.46 -5.49
CA ASP B 244 12.97 33.27 -4.45
C ASP B 244 13.91 33.52 -3.25
#